data_3JQ4
#
_entry.id   3JQ4
#
_cell.length_a   169.8
_cell.length_b   410.3
_cell.length_c   694.4
_cell.angle_alpha   90.00
_cell.angle_beta   90.00
_cell.angle_gamma   90.00
#
_symmetry.space_group_name_H-M   'I 2 2 2'
#
loop_
_entity.id
_entity.type
_entity.pdbx_description
1 polymer '23S ribosomal RNA'
2 polymer '5S ribosomal RNA'
3 non-polymer N-[(1S,2R,3E,5E,7S,9E,11E,13S,15R,19R)-7,13-dihydroxy-1,4,10,19-tetramethyl-17,18-dioxo-16-oxabicyclo[13.2.2]nonadeca-3,5,9,11-tetraen-2-yl]-2-oxopropanamide
#
loop_
_entity_poly.entity_id
_entity_poly.type
_entity_poly.pdbx_seq_one_letter_code
_entity_poly.pdbx_strand_id
1 'polyribonucleotide'
;GGUCAAGAUAGUAAGGGUCCACGGUGGAUGCCCUGGCGCUGGAGCCGAUGAAGGACGCGAUUACCUGCGAAAAGCCCCGA
CGAGCUGGAGAUACGCUUUGACUCGGGGAUGUCCGAAUGGGGAAACCCACCUCGUAAGAGGUAUCCGCAAGGAUGGGAAC
UCAGGGAACUGAAACAUCUCAGUACCUGAAGGAGAAGAAAGAGAAUUCGAUUCCGUUAGUAGCGGCGAGCGAACCCGGAU
CAGCCCAAACCGAAACGCUUGCGUUUCGGGGUUGUAGGACCAGUUUUUAAGAUUCAACCCCUCAAGCCGAAGUGGCUGGA
AAGCUACACCUCAGAAGGUGAGAGUCCUGUAGGCGAACGAGCGGUUGACUGUACUGGCACCUGAGUAGGUCGUUGUUCGU
GAAACGAUGACUGAAUCCGCGCGGACCACCGCGCAAGGCUAAAUACUCCCAGUGACCGAUAGCGCAUAGUACCGUGAGGG
AAAGGUGAAAAGAACCCCGGGAGGGGAGUGAAAGAGAACCUGAAACCGUGGACUUACAAGCAGUCAUGGCACCUUAUGCG
UGUUAUGGCGUGCCUAUUGAAGCAUGAGCCGGCGACUUAGACCUGACGUGCGAGCUUAAGUUGAAAAACGGAGGCGGAGC
GAAAGCGAGUCCGAAUAGGGCGGCAUUAGUACGUCGGGCUAGACUCGAAACCAGGUGAGCUAAGCAUGACCAGGUUGAAA
CCCCCGUGACAGGGGGCGGAGGACCGAACCGGUGCCUGCUGAAACAGUCUCGGAUGAGUUGUGUUUAGGAGUGAAAAGCU
AACCGAACCUGGAGAUAGCUAGUUCUCCCCGAAAUGUAUUGAGGUACAGCCUCGGAUGUUGACCAUGUCCUGUAGAGCAC
UCACAAGGCUAGGGGGCCUACCAGCUUACCAAACCUUAUGAAACUCCGAAGGGGCACGCGUUUAGUCCGGGAGUGAGGCU
GCGAGAGCUAACUUCCGUAGCCGAGAGGGAAACAACCCAGACCAUCAGCUAAGGUCCCUAAAUGAUCGCUCAGUGGUUAA
GGAUGUGUCGUCGCAUAGACAGCCAGGAGGUUGGCUUAGAAGCAGCCACCCUUCAAAGAGUGCGUAAUAGCUCACUGGUC
GAGUGACGAUGCGCCGAAAAUGAUCGGGGCUCAAGUGAUCUACCGAAGCUAUGGAUUCAACUCGCGAAGCGAGUUGUCUG
GUAGGGGAGCGUUCAGUCCGCGGAGAAGCCAUACCGGAAGGAGUGGUGGAGCCGACUGAAGUGCGGAUGCCGGCAUGAGU
AACGAUAAAAGAAGUGAGAAUCUUCUUCGCCGUAAGGACAAGGGUUCCUGGGGAAGGGUCGUCCGCCCAGGGAAAGUCGG
GACCUAAGGUGAGGCCGAACGGCGCAGCCGAUGGACAGCAGGUCAAGAUUCCUGCACCGAUCAUGUGGAGUGAUGGAGGG
ACGCAUUACGCUAUCCAAUGCCAAGCUAUGGCUAUGCUGGUUGGUACGCUCAAGGGCGAUCGGGUCAGAAAAUCUACCGG
UCACAUGCCUCAGACGUAUCGGGAGCUUCCUCGGAAGCGAAGUUGGAAACGCGACGGUGCCAAGAAAAGCUUCUAAACGU
UGAAACAUGAUUGCCCGUACCGCAAACCGACACAGGUGUCCGAGUGUCAAUGCACUAAGGCGCGCGAGAGAACCCUCGUU
AAGGAACUUUGCAAUCUCACCCCGUAACUUCGGAAGAAGGGGUCCCCACGCUUCGCGUGGGGCGCAGUGAAUAGGCCCAG
GCGACUGUUUACCAAAAUCACAGCACUCUGCCAACACGAACAGUGGACGUAUAGGGUGUGACGCCUGCCCGGUGCCGGAA
GGUCAAGUGGAGCGGUGCAAGCUGCGAAAUGAAGCCCCGGUGAACGGCGGCCGUAACUAUAACGGUCCUAAGGUAGCGAA
AUUCCUUGUCGGGUAAGUUCCGACCUGCACGAAAGGCGUAACGAUCUGGGCGCUGUCUCAACGAGGGACUCGGUGAAAUU
GAAUUGGCUGUAAAGAUGCGGCCUACCCGUAGCAGGACGAAAAGACCCCGUGGAGCUUUACUAUAGUCUGGCAUUGGGAU
UCGGGUUUCUCUGCGUAGGAUAGGUGGGAGCCUGCGAAACUGGCCUUUUGGGGUCGGUGGAGGCAACGGUGAAAUACCAC
CCUGAGAAACUUGGAUUUCUAACCUGAAAAAUCACUUUCGGGGACCGUGCUUGGCGGGUAGUUUGACUGGGGCGGUCGCC
UCCCAAAAUGUAACGGAGGCGCCCAAAGGUCACCUCAAGACGGUUGGAAAUCGUCUGUAGAGCGCAAAGGUAGAAGGUGG
CUUGACUGCGAGACUGACACGUCGAGCAGGGAGGAAACUCGGGCUUAGUGAACCGGUGGUACCGUGUGGAAGGGCCAUCG
AUCAACGGAUAAAAGUUACCCCGGGGAUAACAGGCUGAUCUCCCCCGAGAGUCCAUAUCGGCGGGGAGGUUUGGCACCUC
GAUGUCGGCUCGUCGCAUCCUGGGGCUGAAGAAGGUCCCAAGGGUUGGGCUGUUCGCCCAUUAAAGCGGCACGCGAGCUG
GGUUCAGAACGUCGUGAGACAGUUCGGUCUCUAUCCGCUACGGGCGCAGGAGAAUUGAGGGGAGUUGCUCCUAGUACGAG
AGGACCGGAGUGAACGGACCGCUGGUCUCCCUGCUGUCGUACCAACGGCACAUGCAGGGUAGCUAUGUCCGGAACGGAUA
ACCGCUGAAAGCAUCUAAGCGGGAAGCCAGCCCCAAGAUGAGUUCUCCCACUGUUUAUCAGGUAAGACUCCCGGAAGACC
ACCGGGUUAAGAGGCCAGGCGUGCACGCAUAGCAAUGUGUUCAGCGGACUGGUGCUCAUCAGUCGAGGUCUUGACCACUC
;
A
2 'polyribonucleotide'
;CCCCCGUGCCCAUAGCACUGUGGAACCACCCCACCCCAUGCCGAACUGGGUCGUGAAACACAGCAGCGCCAAUGAUACUC
GGACCGCAGGGUCCCGGAAAAGUCGGUCAGCGCGGGGG
;
B
#
loop_
_chem_comp.id
_chem_comp.type
_chem_comp.name
_chem_comp.formula
A RNA linking ADENOSINE-5'-MONOPHOSPHATE 'C10 H14 N5 O7 P'
C RNA linking CYTIDINE-5'-MONOPHOSPHATE 'C9 H14 N3 O8 P'
G RNA linking GUANOSINE-5'-MONOPHOSPHATE 'C10 H14 N5 O8 P'
LC2 non-polymer N-[(1S,2R,3E,5E,7S,9E,11E,13S,15R,19R)-7,13-dihydroxy-1,4,10,19-tetramethyl-17,18-dioxo-16-oxabicyclo[13.2.2]nonadeca-3,5,9,11-tetraen-2-yl]-2-oxopropanamide 'C25 H33 N O7'
U RNA linking URIDINE-5'-MONOPHOSPHATE 'C9 H13 N2 O9 P'
#
# COMPACT_ATOMS: atom_id res chain seq x y z
C1 LC2 C . -0.86 -1.65 0.81
N1 LC2 C . 2.33 -1.88 -1.60
O1 LC2 C . -1.09 -1.23 2.05
C2 LC2 C . -1.94 3.89 0.18
O2 LC2 C . -1.73 -1.77 0.05
C3 LC2 C . -2.57 2.90 0.95
O3 LC2 C . -2.37 4.63 -3.53
C4 LC2 C . -1.79 2.45 2.14
O4 LC2 C . -1.80 1.49 5.43
C5 LC2 C . -2.17 1.49 3.04
O5 LC2 C . 2.86 -1.43 1.16
C6 LC2 C . -1.21 1.12 4.16
O6 LC2 C . 1.64 -2.96 -3.54
C7 LC2 C . -0.78 -0.32 4.27
O7 LC2 C . 4.81 -2.48 -2.30
C8 LC2 C . -0.10 -1.04 3.11
C9 LC2 C . 1.18 -0.41 2.50
C10 LC2 C . 1.71 -1.27 1.35
C11 LC2 C . 2.19 -0.25 3.60
C12 LC2 C . 0.71 -1.98 0.41
C13 LC2 C . -3.98 2.22 0.63
C14 LC2 C . -1.51 -0.47 -2.65
C15 LC2 C . 0.95 -3.50 0.54
C16 LC2 C . 2.56 -2.57 -2.75
C17 LC2 C . 4.05 -2.89 -3.12
C18 LC2 C . 4.30 -3.66 -4.37
C23 LC2 C . 0.92 -1.53 -1.15
C26 LC2 C . 0.66 -0.07 -1.30
C27 LC2 C . -0.46 0.35 -1.99
C28 LC2 C . -0.66 1.77 -2.01
C29 LC2 C . -1.64 2.53 -2.55
C30 LC2 C . -1.68 4.05 -2.41
C31 LC2 C . -2.54 4.45 -1.10
#